data_3RNL
#
_entry.id   3RNL
#
_cell.length_a   72.762
_cell.length_b   93.850
_cell.length_c   110.738
_cell.angle_alpha   90.00
_cell.angle_beta   90.00
_cell.angle_gamma   90.00
#
_symmetry.space_group_name_H-M   'I 2 2 2'
#
loop_
_entity.id
_entity.type
_entity.pdbx_description
1 polymer Sulfotransferase
2 non-polymer 'MAGNESIUM ION'
3 non-polymer GLYCEROL
4 water water
#
_entity_poly.entity_id   1
_entity_poly.type   'polypeptide(L)'
_entity_poly.pdbx_seq_one_letter_code
;SNA(MSE)GVARPNFFIVGAAKCGTSSLDRYLSQHPDIYIPPKKEAHFFSIPDFPERFTGPGDEG(MSE)NLYTIRDEDA
Y(MSE)RLFDGVRGERAVGEASVFYLFYPGTAQR(MSE)YDAYPDAKILI(MSE)LRNPVDRAFSAY(MSE)HLVRDERE
TLSFRESLAKEEERIRQHYEPLWYYRAVGLYAAQVKRYLDVFGREQVKVILFEEFARDPVQVVRDCCAFLGVSTDFVPDT
SIRHNESGVPKSRSLYNFIAKPNALKEIVKPFIPAAVRERLGNRAKS(MSE)VLGR(MSE)E(MSE)EPDLREELTAFFA
PDVARLEALIHRDLSAWRRPARAAGSQ
;
_entity_poly.pdbx_strand_id   A
#
loop_
_chem_comp.id
_chem_comp.type
_chem_comp.name
_chem_comp.formula
GOL non-polymer GLYCEROL 'C3 H8 O3'
MG non-polymer 'MAGNESIUM ION' 'Mg 2'
#
# COMPACT_ATOMS: atom_id res chain seq x y z
N VAL A 6 -15.19 -17.76 14.84
CA VAL A 6 -13.82 -17.26 14.88
C VAL A 6 -13.57 -16.20 13.80
N ALA A 7 -13.48 -14.94 14.22
CA ALA A 7 -13.30 -13.81 13.30
C ALA A 7 -11.98 -13.87 12.55
N ARG A 8 -12.04 -13.66 11.23
CA ARG A 8 -10.83 -13.64 10.43
C ARG A 8 -11.00 -12.68 9.24
N PRO A 9 -9.88 -12.18 8.71
CA PRO A 9 -9.96 -11.22 7.60
C PRO A 9 -10.38 -11.88 6.30
N ASN A 10 -11.31 -11.26 5.59
CA ASN A 10 -11.57 -11.60 4.20
C ASN A 10 -11.13 -10.62 3.11
N PHE A 11 -10.51 -9.50 3.50
CA PHE A 11 -9.90 -8.61 2.51
C PHE A 11 -8.67 -7.95 3.10
N PHE A 12 -7.79 -7.48 2.22
CA PHE A 12 -6.57 -6.83 2.68
C PHE A 12 -6.34 -5.60 1.85
N ILE A 13 -5.89 -4.53 2.50
CA ILE A 13 -5.46 -3.32 1.81
C ILE A 13 -3.94 -3.42 1.81
N VAL A 14 -3.37 -3.64 0.64
CA VAL A 14 -1.96 -4.06 0.60
C VAL A 14 -0.92 -3.00 0.27
N GLY A 15 -1.36 -1.78 -0.04
CA GLY A 15 -0.39 -0.76 -0.44
C GLY A 15 -1.04 0.05 -1.54
N ALA A 16 -0.24 0.88 -2.23
CA ALA A 16 1.18 0.97 -1.93
C ALA A 16 1.40 2.02 -0.84
N ALA A 17 2.64 2.14 -0.37
CA ALA A 17 2.97 3.08 0.71
C ALA A 17 2.94 4.51 0.17
N LYS A 18 2.41 5.44 0.98
CA LYS A 18 2.28 6.86 0.62
C LYS A 18 1.32 7.09 -0.57
N CYS A 19 0.42 6.12 -0.76
CA CYS A 19 -0.67 6.20 -1.75
C CYS A 19 -2.07 6.58 -1.25
N GLY A 20 -2.20 6.92 0.04
CA GLY A 20 -3.47 7.39 0.55
C GLY A 20 -4.36 6.30 1.14
N THR A 21 -3.81 5.11 1.35
CA THR A 21 -4.60 4.02 1.91
C THR A 21 -5.06 4.31 3.33
N SER A 22 -4.36 5.20 4.02
CA SER A 22 -4.76 5.55 5.37
C SER A 22 -6.16 6.15 5.41
N SER A 23 -6.46 7.06 4.48
N SER A 23 -6.45 7.06 4.49
CA SER A 23 -7.78 7.66 4.41
CA SER A 23 -7.79 7.65 4.42
C SER A 23 -8.83 6.67 3.90
C SER A 23 -8.81 6.61 3.96
N LEU A 24 -8.43 5.81 2.96
CA LEU A 24 -9.35 4.79 2.47
C LEU A 24 -9.77 3.86 3.61
N ASP A 25 -8.79 3.40 4.37
CA ASP A 25 -9.05 2.56 5.55
C ASP A 25 -10.03 3.25 6.50
N ARG A 26 -9.76 4.52 6.82
CA ARG A 26 -10.63 5.27 7.73
C ARG A 26 -12.07 5.33 7.22
N TYR A 27 -12.24 5.63 5.94
CA TYR A 27 -13.57 5.70 5.35
C TYR A 27 -14.31 4.36 5.33
N LEU A 28 -13.62 3.30 4.93
CA LEU A 28 -14.27 1.99 4.88
C LEU A 28 -14.67 1.51 6.28
N SER A 29 -13.83 1.80 7.26
N SER A 29 -13.84 1.80 7.28
CA SER A 29 -14.09 1.38 8.64
CA SER A 29 -14.11 1.34 8.64
C SER A 29 -15.41 1.94 9.15
C SER A 29 -15.36 1.99 9.22
N GLN A 30 -15.80 3.09 8.64
CA GLN A 30 -17.05 3.73 9.08
C GLN A 30 -18.29 2.94 8.66
N HIS A 31 -18.17 2.10 7.64
CA HIS A 31 -19.32 1.34 7.13
C HIS A 31 -19.78 0.34 8.19
N PRO A 32 -21.09 0.24 8.43
CA PRO A 32 -21.53 -0.67 9.50
C PRO A 32 -21.25 -2.16 9.23
N ASP A 33 -21.07 -2.52 7.95
CA ASP A 33 -20.79 -3.91 7.54
C ASP A 33 -19.31 -4.21 7.33
N ILE A 34 -18.43 -3.26 7.64
CA ILE A 34 -16.99 -3.49 7.46
C ILE A 34 -16.24 -3.28 8.78
N TYR A 35 -15.36 -4.22 9.12
CA TYR A 35 -14.50 -4.05 10.30
C TYR A 35 -13.04 -4.08 9.90
N ILE A 36 -12.31 -3.03 10.25
CA ILE A 36 -10.85 -2.98 10.15
C ILE A 36 -10.24 -2.68 11.52
N PRO A 37 -9.36 -3.56 12.03
CA PRO A 37 -8.82 -3.28 13.37
C PRO A 37 -8.00 -1.99 13.43
N PRO A 38 -7.89 -1.40 14.63
CA PRO A 38 -7.11 -0.16 14.77
C PRO A 38 -5.61 -0.36 14.48
N LYS A 39 -5.16 -1.61 14.42
CA LYS A 39 -3.75 -1.90 14.12
C LYS A 39 -3.46 -1.83 12.64
N LYS A 40 -2.51 -0.97 12.26
CA LYS A 40 -2.02 -0.90 10.88
C LYS A 40 -0.57 -1.38 10.86
N GLU A 41 -0.12 -1.83 9.69
CA GLU A 41 1.26 -2.21 9.46
C GLU A 41 1.71 -3.44 10.26
N ALA A 42 0.77 -4.32 10.60
CA ALA A 42 1.16 -5.58 11.23
C ALA A 42 2.16 -6.35 10.36
N HIS A 43 1.95 -6.32 9.04
CA HIS A 43 2.81 -7.00 8.07
C HIS A 43 2.99 -8.50 8.31
N PHE A 44 2.01 -9.13 8.94
CA PHE A 44 2.11 -10.55 9.26
C PHE A 44 2.47 -11.42 8.04
N PHE A 45 1.81 -11.18 6.91
CA PHE A 45 2.02 -12.03 5.73
C PHE A 45 3.32 -11.72 4.97
N SER A 46 3.99 -10.63 5.35
CA SER A 46 5.29 -10.28 4.78
C SER A 46 6.53 -10.70 5.58
N ILE A 47 6.35 -11.13 6.81
CA ILE A 47 7.51 -11.31 7.72
C ILE A 47 8.61 -12.18 7.13
N PRO A 48 8.26 -13.31 6.50
CA PRO A 48 9.36 -14.15 5.99
C PRO A 48 10.23 -13.49 4.91
N ASP A 49 9.76 -12.41 4.29
CA ASP A 49 10.55 -11.69 3.28
C ASP A 49 11.42 -10.60 3.91
N PHE A 50 11.23 -10.33 5.20
CA PHE A 50 11.97 -9.26 5.87
C PHE A 50 13.43 -9.65 6.01
N PRO A 51 14.32 -8.66 6.04
CA PRO A 51 15.70 -8.94 6.46
C PRO A 51 15.71 -9.28 7.95
N GLU A 52 16.87 -9.66 8.50
CA GLU A 52 16.92 -10.02 9.90
C GLU A 52 16.48 -8.85 10.78
N ARG A 53 16.95 -7.65 10.44
CA ARG A 53 16.44 -6.45 11.08
C ARG A 53 16.62 -5.22 10.20
N PHE A 54 15.75 -4.24 10.38
CA PHE A 54 15.86 -2.99 9.63
C PHE A 54 16.78 -2.06 10.39
N THR A 55 17.77 -1.54 9.68
CA THR A 55 18.86 -0.75 10.27
C THR A 55 18.84 0.77 10.17
N GLY A 56 17.84 1.34 9.51
CA GLY A 56 17.84 2.78 9.28
C GLY A 56 17.40 3.60 10.48
N PRO A 57 17.66 4.90 10.46
CA PRO A 57 17.20 5.77 11.55
C PRO A 57 15.68 5.80 11.64
N GLY A 58 15.15 5.56 12.84
CA GLY A 58 13.71 5.51 13.05
C GLY A 58 13.01 4.28 12.49
N ASP A 59 13.76 3.24 12.11
CA ASP A 59 13.17 2.04 11.50
C ASP A 59 12.61 1.08 12.56
N GLU A 60 12.77 1.42 13.84
N GLU A 60 12.77 1.46 13.83
CA GLU A 60 12.41 0.50 14.91
CA GLU A 60 12.39 0.59 14.95
C GLU A 60 10.95 0.00 14.86
C GLU A 60 10.97 0.01 14.85
N GLY A 61 10.03 0.83 14.37
CA GLY A 61 8.65 0.41 14.23
C GLY A 61 8.44 -0.82 13.38
N MSE A 62 9.18 -0.91 12.27
CA MSE A 62 9.01 -2.08 11.43
C MSE A 62 9.66 -3.31 12.06
O MSE A 62 9.30 -4.43 11.74
CB MSE A 62 9.54 -1.83 10.00
CG MSE A 62 8.63 -0.94 9.17
SE MSE A 62 7.01 -1.88 8.59
CE MSE A 62 7.81 -2.96 7.21
N ASN A 63 10.63 -3.11 12.95
CA ASN A 63 11.15 -4.23 13.71
C ASN A 63 10.22 -4.64 14.85
N LEU A 64 9.85 -3.63 15.64
CA LEU A 64 9.12 -3.78 16.90
C LEU A 64 7.61 -3.86 16.91
N TYR A 65 6.95 -3.15 15.98
CA TYR A 65 5.47 -3.08 16.02
C TYR A 65 4.80 -4.05 15.08
N THR A 66 5.58 -4.75 14.27
CA THR A 66 5.03 -5.74 13.37
C THR A 66 4.64 -6.97 14.18
N ILE A 67 3.67 -7.73 13.65
CA ILE A 67 3.13 -8.88 14.36
C ILE A 67 3.56 -10.14 13.63
N ARG A 68 4.40 -10.92 14.30
CA ARG A 68 4.95 -12.15 13.71
C ARG A 68 4.34 -13.46 14.17
N ASP A 69 3.46 -13.39 15.16
CA ASP A 69 2.91 -14.58 15.77
C ASP A 69 1.47 -14.74 15.30
N GLU A 70 1.14 -15.95 14.84
CA GLU A 70 -0.18 -16.19 14.28
C GLU A 70 -1.30 -15.94 15.29
N ASP A 71 -1.10 -16.34 16.54
CA ASP A 71 -2.13 -16.15 17.56
C ASP A 71 -2.37 -14.66 17.81
N ALA A 72 -1.29 -13.89 17.89
CA ALA A 72 -1.40 -12.44 18.10
C ALA A 72 -2.08 -11.81 16.90
N TYR A 73 -1.76 -12.31 15.71
CA TYR A 73 -2.41 -11.77 14.52
C TYR A 73 -3.92 -12.02 14.56
N MSE A 74 -4.31 -13.24 14.91
CA MSE A 74 -5.74 -13.55 14.94
C MSE A 74 -6.48 -12.70 15.98
O MSE A 74 -7.65 -12.36 15.78
CB MSE A 74 -5.97 -15.04 15.17
CG MSE A 74 -5.43 -15.91 14.03
SE MSE A 74 -6.19 -15.37 12.29
CE MSE A 74 -8.03 -15.43 12.84
N ARG A 75 -5.79 -12.33 17.06
CA ARG A 75 -6.42 -11.51 18.11
C ARG A 75 -6.74 -10.08 17.63
N LEU A 76 -6.15 -9.66 16.51
CA LEU A 76 -6.48 -8.34 15.96
C LEU A 76 -7.96 -8.24 15.63
N PHE A 77 -8.57 -9.40 15.39
CA PHE A 77 -9.95 -9.44 14.91
C PHE A 77 -10.97 -9.66 16.02
N ASP A 78 -10.50 -9.67 17.26
CA ASP A 78 -11.40 -9.89 18.40
C ASP A 78 -12.58 -8.92 18.45
N GLY A 79 -12.40 -7.72 17.90
CA GLY A 79 -13.44 -6.70 17.94
C GLY A 79 -14.53 -6.82 16.89
N VAL A 80 -14.38 -7.76 15.96
CA VAL A 80 -15.43 -8.00 14.96
C VAL A 80 -16.73 -8.43 15.64
N ARG A 81 -17.85 -7.87 15.22
N ARG A 81 -17.83 -7.77 15.30
CA ARG A 81 -19.11 -8.38 15.72
CA ARG A 81 -19.14 -8.32 15.61
C ARG A 81 -19.95 -9.00 14.60
C ARG A 81 -19.99 -8.44 14.35
N GLY A 82 -20.68 -8.17 13.85
N GLY A 82 -20.06 -9.64 13.78
CA GLY A 82 -21.54 -8.66 12.79
CA GLY A 82 -20.92 -9.90 12.63
C GLY A 82 -21.08 -8.40 11.37
C GLY A 82 -20.74 -9.07 11.36
N GLU A 83 -19.97 -7.69 11.22
N GLU A 83 -19.66 -8.31 11.26
CA GLU A 83 -19.51 -7.25 9.90
CA GLU A 83 -19.39 -7.58 10.02
C GLU A 83 -19.23 -8.40 8.92
C GLU A 83 -19.05 -8.55 8.90
N ARG A 84 -19.71 -8.24 7.69
N ARG A 84 -19.66 -8.36 7.75
CA ARG A 84 -19.49 -9.22 6.64
CA ARG A 84 -19.46 -9.29 6.63
C ARG A 84 -18.10 -9.11 6.05
C ARG A 84 -18.12 -9.10 5.93
N ALA A 85 -17.59 -7.88 5.95
CA ALA A 85 -16.28 -7.63 5.38
C ALA A 85 -15.31 -7.27 6.50
N VAL A 86 -14.20 -8.02 6.60
CA VAL A 86 -13.23 -7.85 7.68
C VAL A 86 -11.86 -7.70 7.05
N GLY A 87 -11.14 -6.65 7.38
CA GLY A 87 -9.93 -6.41 6.60
C GLY A 87 -8.78 -5.93 7.43
N GLU A 88 -7.60 -5.93 6.81
CA GLU A 88 -6.38 -5.57 7.52
C GLU A 88 -5.49 -4.85 6.53
N ALA A 89 -4.79 -3.82 7.01
CA ALA A 89 -4.00 -2.96 6.11
C ALA A 89 -2.54 -2.87 6.51
N SER A 90 -1.65 -3.30 5.61
CA SER A 90 -0.20 -3.10 5.79
C SER A 90 0.36 -2.69 4.43
N VAL A 91 1.01 -1.52 4.35
CA VAL A 91 1.32 -0.93 3.06
C VAL A 91 2.47 -1.57 2.27
N PHE A 92 3.31 -2.39 2.91
CA PHE A 92 4.33 -3.09 2.15
C PHE A 92 3.94 -4.52 1.76
N TYR A 93 2.70 -4.91 2.05
CA TYR A 93 2.20 -6.18 1.53
C TYR A 93 2.37 -6.26 0.01
N LEU A 94 2.19 -5.14 -0.69
CA LEU A 94 2.29 -5.13 -2.15
C LEU A 94 3.75 -5.36 -2.57
N PHE A 95 4.66 -4.81 -1.79
CA PHE A 95 6.07 -4.79 -2.14
C PHE A 95 6.79 -6.11 -1.91
N TYR A 96 6.52 -6.78 -0.79
CA TYR A 96 7.27 -8.01 -0.47
C TYR A 96 6.71 -9.17 -1.30
N PRO A 97 7.59 -9.83 -2.07
CA PRO A 97 7.14 -10.66 -3.20
C PRO A 97 6.48 -11.97 -2.84
N GLY A 98 6.65 -12.46 -1.61
CA GLY A 98 6.04 -13.72 -1.22
C GLY A 98 4.71 -13.54 -0.52
N THR A 99 4.30 -12.29 -0.33
CA THR A 99 3.13 -11.99 0.50
C THR A 99 1.83 -12.55 -0.07
N ALA A 100 1.58 -12.30 -1.36
CA ALA A 100 0.33 -12.72 -1.98
C ALA A 100 0.12 -14.21 -1.78
N GLN A 101 1.15 -15.01 -2.04
CA GLN A 101 1.01 -16.46 -1.95
C GLN A 101 0.76 -16.93 -0.51
N ARG A 102 1.39 -16.30 0.47
CA ARG A 102 1.12 -16.66 1.87
C ARG A 102 -0.31 -16.33 2.27
N MSE A 103 -0.80 -15.18 1.84
N MSE A 103 -0.78 -15.19 1.80
CA MSE A 103 -2.20 -14.81 2.09
CA MSE A 103 -2.15 -14.74 2.03
C MSE A 103 -3.14 -15.82 1.45
C MSE A 103 -3.14 -15.73 1.42
O MSE A 103 -4.12 -16.24 2.06
O MSE A 103 -4.15 -16.06 2.04
CB MSE A 103 -2.53 -13.44 1.51
CB MSE A 103 -2.31 -13.39 1.35
CG MSE A 103 -1.91 -12.28 2.24
CG MSE A 103 -3.44 -12.54 1.83
SE MSE A 103 -2.23 -10.66 1.17
SE MSE A 103 -3.16 -10.77 1.07
CE MSE A 103 -1.89 -9.34 2.55
CE MSE A 103 -1.74 -10.11 2.25
N TYR A 104 -2.85 -16.17 0.21
CA TYR A 104 -3.71 -17.10 -0.51
C TYR A 104 -3.74 -18.46 0.15
N ASP A 105 -2.59 -18.88 0.65
CA ASP A 105 -2.52 -20.18 1.29
C ASP A 105 -3.39 -20.20 2.56
N ALA A 106 -3.50 -19.05 3.23
CA ALA A 106 -4.39 -18.94 4.39
C ALA A 106 -5.86 -18.64 4.03
N TYR A 107 -6.07 -17.74 3.07
CA TYR A 107 -7.41 -17.22 2.74
C TYR A 107 -7.57 -17.11 1.24
N PRO A 108 -7.83 -18.23 0.56
CA PRO A 108 -7.86 -18.19 -0.90
C PRO A 108 -9.02 -17.38 -1.48
N ASP A 109 -10.03 -17.09 -0.66
CA ASP A 109 -11.19 -16.31 -1.11
C ASP A 109 -11.05 -14.81 -0.79
N ALA A 110 -9.91 -14.42 -0.25
CA ALA A 110 -9.73 -13.01 0.13
C ALA A 110 -9.78 -12.05 -1.04
N LYS A 111 -10.26 -10.83 -0.78
CA LYS A 111 -10.23 -9.77 -1.79
C LYS A 111 -9.10 -8.79 -1.46
N ILE A 112 -8.54 -8.20 -2.50
CA ILE A 112 -7.34 -7.39 -2.35
C ILE A 112 -7.62 -5.99 -2.87
N LEU A 113 -7.35 -4.97 -2.05
CA LEU A 113 -7.42 -3.58 -2.49
C LEU A 113 -6.02 -3.00 -2.62
N ILE A 114 -5.74 -2.40 -3.78
CA ILE A 114 -4.42 -1.80 -4.03
C ILE A 114 -4.68 -0.37 -4.44
N MSE A 115 -3.97 0.59 -3.86
CA MSE A 115 -4.10 1.98 -4.33
C MSE A 115 -2.74 2.44 -4.84
O MSE A 115 -1.72 2.26 -4.16
CB MSE A 115 -4.60 2.93 -3.23
CG MSE A 115 -4.75 4.37 -3.74
SE MSE A 115 -6.09 5.40 -2.76
CE MSE A 115 -6.05 4.43 -1.09
N LEU A 116 -2.71 3.02 -6.04
CA LEU A 116 -1.45 3.43 -6.66
C LEU A 116 -1.48 4.91 -6.95
N ARG A 117 -0.31 5.51 -6.84
CA ARG A 117 -0.16 6.93 -7.09
C ARG A 117 1.00 7.10 -8.06
N ASN A 118 1.03 8.20 -8.82
CA ASN A 118 2.16 8.44 -9.72
C ASN A 118 3.43 8.20 -8.90
N PRO A 119 4.30 7.28 -9.34
CA PRO A 119 5.42 6.88 -8.48
C PRO A 119 6.44 8.00 -8.27
N VAL A 120 6.44 9.01 -9.13
CA VAL A 120 7.29 10.18 -8.91
C VAL A 120 6.81 10.94 -7.64
N ASP A 121 5.50 11.19 -7.58
CA ASP A 121 4.91 11.86 -6.42
C ASP A 121 4.99 11.00 -5.17
N ARG A 122 4.84 9.70 -5.34
CA ARG A 122 4.90 8.77 -4.20
C ARG A 122 6.30 8.84 -3.57
N ALA A 123 7.33 8.86 -4.40
CA ALA A 123 8.70 8.92 -3.88
C ALA A 123 8.88 10.19 -3.05
N PHE A 124 8.39 11.31 -3.58
CA PHE A 124 8.57 12.58 -2.86
C PHE A 124 7.78 12.57 -1.55
N SER A 125 6.61 11.94 -1.57
N SER A 125 6.61 11.93 -1.55
CA SER A 125 5.81 11.82 -0.36
CA SER A 125 5.82 11.82 -0.33
C SER A 125 6.54 11.02 0.74
C SER A 125 6.54 11.02 0.74
N ALA A 126 7.19 9.94 0.34
CA ALA A 126 7.97 9.14 1.29
C ALA A 126 9.11 9.98 1.86
N TYR A 127 9.78 10.74 1.00
CA TYR A 127 10.85 11.63 1.43
C TYR A 127 10.33 12.63 2.47
N MSE A 128 9.24 13.31 2.14
N MSE A 128 9.24 13.32 2.16
CA MSE A 128 8.66 14.31 3.05
CA MSE A 128 8.72 14.32 3.08
C MSE A 128 8.30 13.69 4.40
C MSE A 128 8.28 13.71 4.41
O MSE A 128 8.47 14.33 5.44
O MSE A 128 8.37 14.35 5.46
CB MSE A 128 7.45 14.98 2.42
CB MSE A 128 7.57 15.12 2.45
CG MSE A 128 7.80 15.86 1.25
CG MSE A 128 8.05 16.09 1.37
SE MSE A 128 6.31 16.97 0.63
SE MSE A 128 9.38 17.38 2.01
CE MSE A 128 5.32 15.61 -0.36
CE MSE A 128 8.42 18.11 3.55
N HIS A 129 7.82 12.46 4.37
CA HIS A 129 7.47 11.73 5.59
C HIS A 129 8.71 11.51 6.44
N LEU A 130 9.80 11.04 5.81
CA LEU A 130 11.05 10.80 6.52
C LEU A 130 11.65 12.08 7.07
N VAL A 131 11.52 13.19 6.33
CA VAL A 131 12.01 14.48 6.82
C VAL A 131 11.17 14.98 8.00
N ARG A 132 9.86 14.88 7.89
CA ARG A 132 8.98 15.37 8.94
C ARG A 132 9.23 14.66 10.25
N ASP A 133 9.58 13.38 10.16
CA ASP A 133 9.82 12.56 11.33
C ASP A 133 11.28 12.63 11.82
N GLU A 134 12.06 13.49 11.18
CA GLU A 134 13.45 13.77 11.56
C GLU A 134 14.36 12.54 11.38
N ARG A 135 13.96 11.66 10.48
CA ARG A 135 14.79 10.52 10.09
C ARG A 135 15.80 10.86 8.99
N GLU A 136 15.38 11.71 8.06
CA GLU A 136 16.22 12.13 6.93
C GLU A 136 16.52 13.62 7.02
N THR A 137 17.79 13.99 7.10
CA THR A 137 18.16 15.41 7.01
C THR A 137 18.70 15.87 5.65
N LEU A 138 18.93 14.93 4.74
CA LEU A 138 19.49 15.23 3.41
C LEU A 138 18.45 15.82 2.48
N SER A 139 18.91 16.46 1.41
CA SER A 139 18.02 16.87 0.34
C SER A 139 17.44 15.63 -0.34
N PHE A 140 16.32 15.81 -1.03
CA PHE A 140 15.71 14.70 -1.76
C PHE A 140 16.70 14.17 -2.78
N ARG A 141 17.43 15.08 -3.42
CA ARG A 141 18.39 14.66 -4.44
C ARG A 141 19.43 13.69 -3.86
N GLU A 142 19.98 14.05 -2.71
N GLU A 142 19.98 14.04 -2.71
CA GLU A 142 20.95 13.21 -2.01
CA GLU A 142 20.97 13.17 -2.05
C GLU A 142 20.33 11.93 -1.49
C GLU A 142 20.34 11.92 -1.46
N SER A 143 19.10 12.03 -0.99
CA SER A 143 18.39 10.88 -0.43
C SER A 143 18.13 9.83 -1.53
N LEU A 144 17.76 10.30 -2.71
CA LEU A 144 17.55 9.40 -3.86
C LEU A 144 18.83 8.63 -4.18
N ALA A 145 19.95 9.34 -4.13
CA ALA A 145 21.23 8.77 -4.53
C ALA A 145 21.69 7.67 -3.56
N LYS A 146 21.18 7.69 -2.34
CA LYS A 146 21.55 6.69 -1.34
C LYS A 146 20.71 5.42 -1.39
N GLU A 147 19.72 5.34 -2.28
CA GLU A 147 18.78 4.22 -2.20
C GLU A 147 19.46 2.84 -2.31
N GLU A 148 20.33 2.68 -3.31
N GLU A 148 20.30 2.67 -3.32
CA GLU A 148 21.01 1.40 -3.51
CA GLU A 148 20.97 1.39 -3.56
C GLU A 148 21.76 0.95 -2.27
C GLU A 148 21.74 0.90 -2.33
N GLU A 149 22.50 1.85 -1.64
N GLU A 149 22.50 1.79 -1.70
CA GLU A 149 23.28 1.51 -0.45
CA GLU A 149 23.23 1.42 -0.49
C GLU A 149 22.39 1.21 0.76
C GLU A 149 22.29 1.08 0.67
N ARG A 150 21.23 1.85 0.82
CA ARG A 150 20.27 1.62 1.90
C ARG A 150 19.56 0.29 1.73
N ILE A 151 19.32 -0.10 0.49
CA ILE A 151 18.76 -1.43 0.25
C ILE A 151 19.78 -2.49 0.71
N ARG A 152 21.05 -2.31 0.34
CA ARG A 152 22.08 -3.24 0.77
C ARG A 152 22.22 -3.31 2.29
N GLN A 153 22.00 -2.18 2.97
CA GLN A 153 22.17 -2.10 4.41
C GLN A 153 20.91 -2.50 5.19
N HIS A 154 19.87 -2.86 4.47
CA HIS A 154 18.60 -3.30 5.04
C HIS A 154 17.84 -2.21 5.81
N TYR A 155 17.79 -1.01 5.25
CA TYR A 155 16.85 -0.01 5.74
C TYR A 155 15.44 -0.50 5.44
N GLU A 156 14.45 0.04 6.13
CA GLU A 156 13.08 -0.32 5.80
C GLU A 156 12.63 0.28 4.45
N PRO A 157 11.59 -0.30 3.85
CA PRO A 157 11.23 0.07 2.46
C PRO A 157 10.70 1.49 2.29
N LEU A 158 10.33 2.18 3.37
CA LEU A 158 9.94 3.59 3.21
C LEU A 158 11.06 4.37 2.52
N TRP A 159 12.29 3.94 2.75
CA TRP A 159 13.44 4.59 2.13
C TRP A 159 13.63 4.22 0.66
N TYR A 160 12.90 3.24 0.12
CA TYR A 160 13.31 2.84 -1.22
C TYR A 160 12.38 3.56 -2.16
N TYR A 161 12.87 4.69 -2.67
CA TYR A 161 12.02 5.61 -3.40
C TYR A 161 11.62 4.98 -4.71
N ARG A 162 12.62 4.44 -5.40
CA ARG A 162 12.40 3.81 -6.70
C ARG A 162 11.80 2.41 -6.58
N ALA A 163 12.37 1.57 -5.71
CA ALA A 163 11.98 0.16 -5.72
C ALA A 163 10.49 -0.01 -5.41
N VAL A 164 10.00 0.76 -4.46
CA VAL A 164 8.61 0.62 -4.02
C VAL A 164 7.63 1.14 -5.09
N GLY A 165 8.09 2.04 -5.93
CA GLY A 165 7.27 2.59 -6.99
C GLY A 165 7.26 1.79 -8.28
N LEU A 166 8.03 0.69 -8.37
CA LEU A 166 7.90 -0.03 -9.63
C LEU A 166 6.80 -1.06 -9.39
N TYR A 167 5.59 -0.66 -9.77
CA TYR A 167 4.41 -1.37 -9.33
C TYR A 167 4.12 -2.59 -10.17
N ALA A 168 4.56 -2.58 -11.42
CA ALA A 168 4.02 -3.55 -12.37
C ALA A 168 4.20 -4.98 -11.89
N ALA A 169 5.43 -5.34 -11.52
CA ALA A 169 5.65 -6.72 -11.10
C ALA A 169 4.94 -7.05 -9.79
N GLN A 170 4.80 -6.05 -8.92
CA GLN A 170 4.15 -6.26 -7.62
C GLN A 170 2.67 -6.53 -7.83
N VAL A 171 2.05 -5.72 -8.67
CA VAL A 171 0.62 -5.93 -8.97
C VAL A 171 0.42 -7.25 -9.72
N LYS A 172 1.31 -7.56 -10.67
CA LYS A 172 1.18 -8.82 -11.40
C LYS A 172 1.14 -10.01 -10.45
N ARG A 173 1.99 -9.99 -9.43
CA ARG A 173 2.03 -11.11 -8.49
C ARG A 173 0.66 -11.31 -7.83
N TYR A 174 0.00 -10.22 -7.42
CA TYR A 174 -1.34 -10.34 -6.83
C TYR A 174 -2.38 -10.81 -7.84
N LEU A 175 -2.33 -10.28 -9.07
CA LEU A 175 -3.26 -10.73 -10.10
C LEU A 175 -3.05 -12.19 -10.42
N ASP A 176 -1.79 -12.62 -10.48
CA ASP A 176 -1.52 -14.04 -10.75
C ASP A 176 -2.06 -14.91 -9.62
N VAL A 177 -1.80 -14.54 -8.39
CA VAL A 177 -2.18 -15.42 -7.27
C VAL A 177 -3.70 -15.44 -7.03
N PHE A 178 -4.29 -14.25 -6.93
CA PHE A 178 -5.71 -14.16 -6.58
C PHE A 178 -6.68 -14.13 -7.75
N GLY A 179 -6.19 -13.81 -8.94
CA GLY A 179 -7.08 -13.65 -10.09
C GLY A 179 -7.72 -12.27 -10.12
N ARG A 180 -8.10 -11.82 -11.32
N ARG A 180 -8.10 -11.84 -11.32
CA ARG A 180 -8.67 -10.47 -11.46
CA ARG A 180 -8.69 -10.52 -11.52
C ARG A 180 -9.99 -10.29 -10.71
C ARG A 180 -9.95 -10.31 -10.68
N GLU A 181 -10.75 -11.36 -10.55
CA GLU A 181 -12.00 -11.28 -9.81
C GLU A 181 -11.81 -10.78 -8.35
N GLN A 182 -10.68 -11.13 -7.76
CA GLN A 182 -10.41 -10.84 -6.36
C GLN A 182 -9.52 -9.62 -6.06
N VAL A 183 -9.18 -8.87 -7.10
CA VAL A 183 -8.28 -7.73 -6.92
C VAL A 183 -8.92 -6.47 -7.49
N LYS A 184 -8.82 -5.35 -6.76
CA LYS A 184 -9.30 -4.08 -7.29
C LYS A 184 -8.19 -3.06 -7.13
N VAL A 185 -7.85 -2.37 -8.21
CA VAL A 185 -6.79 -1.37 -8.17
C VAL A 185 -7.42 0.00 -8.28
N ILE A 186 -7.07 0.90 -7.37
CA ILE A 186 -7.63 2.26 -7.35
C ILE A 186 -6.50 3.23 -7.57
N LEU A 187 -6.77 4.30 -8.32
CA LEU A 187 -5.76 5.36 -8.50
C LEU A 187 -5.96 6.48 -7.48
N PHE A 188 -4.86 6.92 -6.88
CA PHE A 188 -4.91 7.96 -5.85
C PHE A 188 -5.61 9.22 -6.37
N GLU A 189 -5.34 9.56 -7.61
CA GLU A 189 -5.89 10.78 -8.21
C GLU A 189 -7.44 10.75 -8.29
N GLU A 190 -8.00 9.59 -8.60
N GLU A 190 -7.99 9.59 -8.61
CA GLU A 190 -9.45 9.42 -8.62
CA GLU A 190 -9.45 9.42 -8.61
C GLU A 190 -10.03 9.46 -7.21
C GLU A 190 -10.01 9.49 -7.20
N PHE A 191 -9.31 8.87 -6.26
CA PHE A 191 -9.73 8.89 -4.87
C PHE A 191 -9.73 10.30 -4.32
N ALA A 192 -8.74 11.10 -4.72
CA ALA A 192 -8.63 12.47 -4.23
C ALA A 192 -9.78 13.32 -4.78
N ARG A 193 -10.13 13.07 -6.03
CA ARG A 193 -11.17 13.83 -6.70
C ARG A 193 -12.57 13.51 -6.16
N ASP A 194 -12.86 12.23 -5.95
CA ASP A 194 -14.20 11.82 -5.53
C ASP A 194 -14.11 10.65 -4.54
N PRO A 195 -13.70 10.91 -3.30
CA PRO A 195 -13.52 9.82 -2.34
C PRO A 195 -14.82 9.06 -2.08
N VAL A 196 -15.96 9.75 -2.08
CA VAL A 196 -17.22 9.05 -1.82
C VAL A 196 -17.49 8.00 -2.90
N GLN A 197 -17.25 8.37 -4.16
CA GLN A 197 -17.50 7.43 -5.25
C GLN A 197 -16.56 6.24 -5.15
N VAL A 198 -15.29 6.51 -4.88
CA VAL A 198 -14.32 5.43 -4.78
C VAL A 198 -14.64 4.51 -3.60
N VAL A 199 -15.01 5.09 -2.45
CA VAL A 199 -15.41 4.26 -1.32
C VAL A 199 -16.62 3.39 -1.66
N ARG A 200 -17.62 3.98 -2.32
CA ARG A 200 -18.79 3.19 -2.73
C ARG A 200 -18.44 2.08 -3.71
N ASP A 201 -17.50 2.34 -4.62
CA ASP A 201 -17.02 1.29 -5.54
C ASP A 201 -16.38 0.15 -4.73
N CYS A 202 -15.64 0.50 -3.68
CA CYS A 202 -15.03 -0.53 -2.84
C CYS A 202 -16.09 -1.33 -2.11
N CYS A 203 -17.16 -0.67 -1.68
CA CYS A 203 -18.25 -1.39 -1.06
C CYS A 203 -18.85 -2.44 -2.02
N ALA A 204 -19.08 -2.05 -3.26
CA ALA A 204 -19.60 -2.98 -4.26
C ALA A 204 -18.63 -4.16 -4.44
N PHE A 205 -17.34 -3.86 -4.54
CA PHE A 205 -16.30 -4.90 -4.66
C PHE A 205 -16.34 -5.87 -3.47
N LEU A 206 -16.49 -5.32 -2.26
CA LEU A 206 -16.50 -6.12 -1.03
C LEU A 206 -17.84 -6.80 -0.79
N GLY A 207 -18.83 -6.47 -1.61
CA GLY A 207 -20.15 -7.08 -1.50
C GLY A 207 -20.93 -6.60 -0.28
N VAL A 208 -20.73 -5.35 0.12
CA VAL A 208 -21.57 -4.76 1.17
C VAL A 208 -22.39 -3.62 0.58
N SER A 209 -23.28 -3.05 1.37
CA SER A 209 -24.22 -2.06 0.85
C SER A 209 -23.53 -0.84 0.28
N THR A 210 -23.96 -0.42 -0.90
CA THR A 210 -23.43 0.79 -1.48
C THR A 210 -24.22 2.01 -1.02
N ASP A 211 -25.22 1.86 -0.15
CA ASP A 211 -25.88 3.08 0.22
C ASP A 211 -25.20 3.40 1.53
N PHE A 212 -24.14 4.18 1.39
CA PHE A 212 -23.29 4.58 2.49
C PHE A 212 -22.64 5.85 2.04
N VAL A 213 -22.54 6.84 2.93
CA VAL A 213 -21.70 8.00 2.67
C VAL A 213 -20.66 8.12 3.77
N PRO A 214 -19.38 7.97 3.44
CA PRO A 214 -18.41 8.17 4.53
C PRO A 214 -18.34 9.63 4.93
N ASP A 215 -17.92 9.88 6.16
CA ASP A 215 -17.68 11.24 6.62
C ASP A 215 -16.23 11.55 6.29
N THR A 216 -16.04 12.47 5.34
CA THR A 216 -14.71 12.79 4.84
C THR A 216 -14.10 14.01 5.49
N SER A 217 -14.80 14.57 6.48
CA SER A 217 -14.30 15.76 7.17
C SER A 217 -12.86 15.60 7.68
N MSE A 269 8.93 21.42 -0.41
CA MSE A 269 7.52 21.52 -0.83
C MSE A 269 7.35 21.09 -2.29
O MSE A 269 6.34 20.51 -2.66
CB MSE A 269 7.00 22.93 -0.64
CG MSE A 269 5.53 23.10 -0.97
SE MSE A 269 4.38 22.16 0.29
CE MSE A 269 2.69 22.25 -0.68
N GLU A 270 8.36 21.37 -3.11
CA GLU A 270 8.31 21.06 -4.54
C GLU A 270 9.58 20.38 -5.00
N MSE A 271 9.42 19.25 -5.69
CA MSE A 271 10.57 18.51 -6.19
C MSE A 271 11.30 19.33 -7.27
O MSE A 271 10.70 20.07 -8.02
CB MSE A 271 10.09 17.19 -6.77
CG MSE A 271 11.15 16.41 -7.46
SE MSE A 271 10.30 14.88 -8.32
CE MSE A 271 9.24 14.25 -6.84
N GLU A 272 12.64 19.21 -7.31
CA GLU A 272 13.41 19.86 -8.37
C GLU A 272 12.89 19.44 -9.74
N PRO A 273 12.73 20.39 -10.66
CA PRO A 273 12.19 20.07 -11.99
C PRO A 273 12.99 19.00 -12.75
N ASP A 274 14.33 19.07 -12.71
CA ASP A 274 15.11 18.06 -13.42
C ASP A 274 14.85 16.68 -12.83
N LEU A 275 14.65 16.61 -11.52
CA LEU A 275 14.36 15.30 -10.90
C LEU A 275 12.99 14.79 -11.31
N ARG A 276 12.01 15.68 -11.41
N ARG A 276 12.02 15.69 -11.43
CA ARG A 276 10.69 15.24 -11.86
CA ARG A 276 10.69 15.28 -11.86
C ARG A 276 10.80 14.65 -13.27
C ARG A 276 10.75 14.70 -13.27
N GLU A 277 11.55 15.32 -14.14
CA GLU A 277 11.67 14.81 -15.51
C GLU A 277 12.40 13.46 -15.51
N GLU A 278 13.51 13.39 -14.80
N GLU A 278 13.52 13.41 -14.80
CA GLU A 278 14.32 12.17 -14.79
CA GLU A 278 14.34 12.20 -14.73
C GLU A 278 13.59 10.99 -14.15
C GLU A 278 13.58 11.01 -14.15
N LEU A 279 12.87 11.23 -13.05
CA LEU A 279 12.14 10.16 -12.39
C LEU A 279 10.96 9.71 -13.24
N THR A 280 10.30 10.64 -13.91
CA THR A 280 9.20 10.25 -14.81
C THR A 280 9.72 9.29 -15.88
N ALA A 281 10.88 9.60 -16.46
CA ALA A 281 11.46 8.72 -17.47
C ALA A 281 11.88 7.38 -16.86
N PHE A 282 12.39 7.41 -15.64
CA PHE A 282 12.81 6.18 -14.97
C PHE A 282 11.68 5.17 -14.85
N PHE A 283 10.52 5.66 -14.41
CA PHE A 283 9.36 4.79 -14.18
C PHE A 283 8.58 4.46 -15.46
N ALA A 284 8.85 5.18 -16.54
CA ALA A 284 8.01 5.09 -17.74
C ALA A 284 7.83 3.66 -18.30
N PRO A 285 8.92 2.89 -18.42
CA PRO A 285 8.71 1.54 -18.96
C PRO A 285 7.84 0.68 -18.03
N ASP A 286 8.02 0.84 -16.72
CA ASP A 286 7.21 0.08 -15.78
C ASP A 286 5.76 0.52 -15.82
N VAL A 287 5.54 1.83 -15.98
CA VAL A 287 4.18 2.36 -16.08
C VAL A 287 3.47 1.79 -17.32
N ALA A 288 4.19 1.69 -18.42
CA ALA A 288 3.60 1.16 -19.65
C ALA A 288 3.19 -0.31 -19.46
N ARG A 289 4.03 -1.06 -18.76
N ARG A 289 4.03 -1.07 -18.76
CA ARG A 289 3.70 -2.46 -18.44
CA ARG A 289 3.68 -2.46 -18.45
C ARG A 289 2.49 -2.55 -17.53
C ARG A 289 2.46 -2.53 -17.56
N LEU A 290 2.42 -1.64 -16.57
CA LEU A 290 1.32 -1.61 -15.62
C LEU A 290 -0.01 -1.32 -16.33
N GLU A 291 -0.01 -0.39 -17.29
CA GLU A 291 -1.24 -0.06 -18.03
C GLU A 291 -1.86 -1.31 -18.63
N ALA A 292 -1.02 -2.13 -19.26
CA ALA A 292 -1.50 -3.36 -19.88
C ALA A 292 -2.00 -4.37 -18.85
N LEU A 293 -1.37 -4.38 -17.68
N LEU A 293 -1.38 -4.35 -17.67
CA LEU A 293 -1.77 -5.31 -16.61
CA LEU A 293 -1.74 -5.28 -16.62
C LEU A 293 -3.14 -4.97 -16.04
C LEU A 293 -3.11 -4.96 -16.02
N ILE A 294 -3.35 -3.69 -15.73
CA ILE A 294 -4.59 -3.25 -15.07
C ILE A 294 -5.66 -2.73 -16.02
N HIS A 295 -5.39 -2.80 -17.32
CA HIS A 295 -6.38 -2.44 -18.34
C HIS A 295 -6.85 -1.01 -18.27
N ARG A 296 -5.96 -0.08 -17.97
CA ARG A 296 -6.34 1.31 -18.05
C ARG A 296 -5.14 2.19 -18.37
N ASP A 297 -5.42 3.36 -18.92
CA ASP A 297 -4.38 4.28 -19.34
C ASP A 297 -3.93 5.19 -18.18
N LEU A 298 -2.62 5.31 -18.07
CA LEU A 298 -1.89 6.07 -17.04
C LEU A 298 -1.39 7.46 -17.44
N SER A 299 -1.86 7.97 -18.57
CA SER A 299 -1.33 9.22 -19.12
C SER A 299 -1.29 10.36 -18.10
N ALA A 300 -2.16 10.32 -17.10
CA ALA A 300 -2.14 11.33 -16.04
C ALA A 300 -0.79 11.35 -15.32
N TRP A 301 -0.07 10.24 -15.38
CA TRP A 301 1.22 10.17 -14.70
C TRP A 301 2.37 10.72 -15.54
N ARG A 302 2.10 11.06 -16.80
CA ARG A 302 3.13 11.59 -17.71
C ARG A 302 3.12 13.11 -17.88
N ARG A 303 2.15 13.80 -17.27
CA ARG A 303 1.85 15.19 -17.65
C ARG A 303 3.09 16.09 -17.73
MG MG B . -17.53 -0.48 10.51
MG MG C . -3.18 -17.43 -11.58
C1 GOL D . 6.15 3.60 7.05
O1 GOL D . 7.06 2.51 7.13
C2 GOL D . 4.99 3.27 6.12
O2 GOL D . 4.97 4.18 5.05
C3 GOL D . 3.67 3.42 6.89
O3 GOL D . 3.21 4.75 6.80
C1 GOL E . -10.92 4.39 -9.46
O1 GOL E . -9.52 4.51 -9.56
C2 GOL E . -11.34 3.00 -8.95
O2 GOL E . -12.64 3.10 -8.36
C3 GOL E . -11.35 2.01 -10.11
O3 GOL E . -10.88 0.73 -9.71
#